data_7RVC
# 
_entry.id   7RVC 
# 
_audit_conform.dict_name       mmcif_pdbx.dic 
_audit_conform.dict_version    5.392 
_audit_conform.dict_location   http://mmcif.pdb.org/dictionaries/ascii/mmcif_pdbx.dic 
# 
loop_
_database_2.database_id 
_database_2.database_code 
_database_2.pdbx_database_accession 
_database_2.pdbx_DOI 
PDB   7RVC         pdb_00007rvc 10.2210/pdb7rvc/pdb 
WWPDB D_1000259058 ?            ?                   
# 
loop_
_pdbx_audit_revision_history.ordinal 
_pdbx_audit_revision_history.data_content_type 
_pdbx_audit_revision_history.major_revision 
_pdbx_audit_revision_history.minor_revision 
_pdbx_audit_revision_history.revision_date 
1 'Structure model' 1 0 2022-08-24 
2 'Structure model' 1 1 2024-05-22 
# 
_pdbx_audit_revision_details.ordinal             1 
_pdbx_audit_revision_details.revision_ordinal    1 
_pdbx_audit_revision_details.data_content_type   'Structure model' 
_pdbx_audit_revision_details.provider            repository 
_pdbx_audit_revision_details.type                'Initial release' 
_pdbx_audit_revision_details.description         ? 
_pdbx_audit_revision_details.details             ? 
# 
_pdbx_audit_revision_group.ordinal             1 
_pdbx_audit_revision_group.revision_ordinal    2 
_pdbx_audit_revision_group.data_content_type   'Structure model' 
_pdbx_audit_revision_group.group               'Data collection' 
# 
loop_
_pdbx_audit_revision_category.ordinal 
_pdbx_audit_revision_category.revision_ordinal 
_pdbx_audit_revision_category.data_content_type 
_pdbx_audit_revision_category.category 
1 2 'Structure model' chem_comp_atom 
2 2 'Structure model' chem_comp_bond 
# 
_pdbx_database_status.status_code                     REL 
_pdbx_database_status.status_code_sf                  REL 
_pdbx_database_status.status_code_mr                  ? 
_pdbx_database_status.entry_id                        7RVC 
_pdbx_database_status.recvd_initial_deposition_date   2021-08-18 
_pdbx_database_status.SG_entry                        N 
_pdbx_database_status.deposit_site                    RCSB 
_pdbx_database_status.process_site                    RCSB 
_pdbx_database_status.status_code_cs                  ? 
_pdbx_database_status.status_code_nmr_data            ? 
_pdbx_database_status.methods_development_category    ? 
_pdbx_database_status.pdb_format_compatible           Y 
# 
loop_
_audit_author.name 
_audit_author.pdbx_ordinal 
_audit_author.identifier_ORCID 
'Glynn, C.'       1 ? 
'Rodriguez, J.A.' 2 ? 
'Hernandez, E.'   3 ? 
# 
_citation.abstract                  ? 
_citation.abstract_id_CAS           ? 
_citation.book_id_ISBN              ? 
_citation.book_publisher            ? 
_citation.book_publisher_city       ? 
_citation.book_title                ? 
_citation.coordinate_linkage        ? 
_citation.country                   ? 
_citation.database_id_Medline       ? 
_citation.details                   ? 
_citation.id                        primary 
_citation.journal_abbrev            'To be published' 
_citation.journal_id_ASTM           ? 
_citation.journal_id_CSD            0353 
_citation.journal_id_ISSN           ? 
_citation.journal_full              ? 
_citation.journal_issue             ? 
_citation.journal_volume            ? 
_citation.language                  ? 
_citation.page_first                ? 
_citation.page_last                 ? 
_citation.title                     
'Structural and Biophysical Consequences of Sequence Variation in the B2a2 Loop of Mammalian Prions' 
_citation.year                      ? 
_citation.database_id_CSD           ? 
_citation.pdbx_database_id_DOI      ? 
_citation.pdbx_database_id_PubMed   ? 
_citation.pdbx_database_id_patent   ? 
_citation.unpublished_flag          ? 
# 
loop_
_citation_author.citation_id 
_citation_author.name 
_citation_author.ordinal 
_citation_author.identifier_ORCID 
primary 'Glynn, C.'           1 ? 
primary 'Hernandez, E.'       2 ? 
primary 'Gallagher-Jones, M.' 3 ? 
primary 'Miao, J.'            4 ? 
primary 'Rodriguez, J.A.'     5 ? 
# 
loop_
_entity.id 
_entity.type 
_entity.src_method 
_entity.pdbx_description 
_entity.formula_weight 
_entity.pdbx_number_of_molecules 
_entity.pdbx_ec 
_entity.pdbx_mutation 
_entity.pdbx_fragment 
_entity.details 
1 polymer syn 'Major prion protein' 1114.122 1 ? ? 'UNP residues 168-176' ? 
2 water   nat water                 18.015   1 ? ? ?                      ? 
# 
_entity_name_com.entity_id   1 
_entity_name_com.name        PrP,ASCR,PrP27-30,PrP33-35C 
# 
_entity_poly.entity_id                      1 
_entity_poly.type                           'polypeptide(L)' 
_entity_poly.nstd_linkage                   no 
_entity_poly.nstd_monomer                   no 
_entity_poly.pdbx_seq_one_letter_code       EYSNQNNFV 
_entity_poly.pdbx_seq_one_letter_code_can   EYSNQNNFV 
_entity_poly.pdbx_strand_id                 A 
_entity_poly.pdbx_target_identifier         ? 
# 
_pdbx_entity_nonpoly.entity_id   2 
_pdbx_entity_nonpoly.name        water 
_pdbx_entity_nonpoly.comp_id     HOH 
# 
loop_
_entity_poly_seq.entity_id 
_entity_poly_seq.num 
_entity_poly_seq.mon_id 
_entity_poly_seq.hetero 
1 1 GLU n 
1 2 TYR n 
1 3 SER n 
1 4 ASN n 
1 5 GLN n 
1 6 ASN n 
1 7 ASN n 
1 8 PHE n 
1 9 VAL n 
# 
_pdbx_entity_src_syn.entity_id              1 
_pdbx_entity_src_syn.pdbx_src_id            1 
_pdbx_entity_src_syn.pdbx_alt_source_flag   sample 
_pdbx_entity_src_syn.pdbx_beg_seq_num       1 
_pdbx_entity_src_syn.pdbx_end_seq_num       9 
_pdbx_entity_src_syn.organism_scientific    'Homo sapiens' 
_pdbx_entity_src_syn.organism_common_name   Human 
_pdbx_entity_src_syn.ncbi_taxonomy_id       9606 
_pdbx_entity_src_syn.details                ? 
# 
loop_
_chem_comp.id 
_chem_comp.type 
_chem_comp.mon_nstd_flag 
_chem_comp.name 
_chem_comp.pdbx_synonyms 
_chem_comp.formula 
_chem_comp.formula_weight 
ASN 'L-peptide linking' y ASPARAGINE      ? 'C4 H8 N2 O3'  132.118 
GLN 'L-peptide linking' y GLUTAMINE       ? 'C5 H10 N2 O3' 146.144 
GLU 'L-peptide linking' y 'GLUTAMIC ACID' ? 'C5 H9 N O4'   147.129 
HOH non-polymer         . WATER           ? 'H2 O'         18.015  
PHE 'L-peptide linking' y PHENYLALANINE   ? 'C9 H11 N O2'  165.189 
SER 'L-peptide linking' y SERINE          ? 'C3 H7 N O3'   105.093 
TYR 'L-peptide linking' y TYROSINE        ? 'C9 H11 N O3'  181.189 
VAL 'L-peptide linking' y VALINE          ? 'C5 H11 N O2'  117.146 
# 
loop_
_pdbx_poly_seq_scheme.asym_id 
_pdbx_poly_seq_scheme.entity_id 
_pdbx_poly_seq_scheme.seq_id 
_pdbx_poly_seq_scheme.mon_id 
_pdbx_poly_seq_scheme.ndb_seq_num 
_pdbx_poly_seq_scheme.pdb_seq_num 
_pdbx_poly_seq_scheme.auth_seq_num 
_pdbx_poly_seq_scheme.pdb_mon_id 
_pdbx_poly_seq_scheme.auth_mon_id 
_pdbx_poly_seq_scheme.pdb_strand_id 
_pdbx_poly_seq_scheme.pdb_ins_code 
_pdbx_poly_seq_scheme.hetero 
A 1 1 GLU 1 168 168 GLU GLU A . n 
A 1 2 TYR 2 169 169 TYR TYR A . n 
A 1 3 SER 3 170 170 SER SER A . n 
A 1 4 ASN 4 171 171 ASN ASN A . n 
A 1 5 GLN 5 172 172 GLN GLN A . n 
A 1 6 ASN 6 173 173 ASN ASN A . n 
A 1 7 ASN 7 174 174 ASN ASN A . n 
A 1 8 PHE 8 175 175 PHE PHE A . n 
A 1 9 VAL 9 176 176 VAL VAL A . n 
# 
_pdbx_nonpoly_scheme.asym_id         B 
_pdbx_nonpoly_scheme.entity_id       2 
_pdbx_nonpoly_scheme.mon_id          HOH 
_pdbx_nonpoly_scheme.ndb_seq_num     1 
_pdbx_nonpoly_scheme.pdb_seq_num     201 
_pdbx_nonpoly_scheme.auth_seq_num    1 
_pdbx_nonpoly_scheme.pdb_mon_id      HOH 
_pdbx_nonpoly_scheme.auth_mon_id     HOH 
_pdbx_nonpoly_scheme.pdb_strand_id   A 
_pdbx_nonpoly_scheme.pdb_ins_code    . 
# 
loop_
_software.citation_id 
_software.classification 
_software.compiler_name 
_software.compiler_version 
_software.contact_author 
_software.contact_author_email 
_software.date 
_software.description 
_software.dependencies 
_software.hardware 
_software.language 
_software.location 
_software.mods 
_software.name 
_software.os 
_software.os_version 
_software.type 
_software.version 
_software.pdbx_ordinal 
? 'data scaling'    ? ? ? ? ? ? ? ? ? ? ? XSCALE      ? ? ? .         1 
? refinement        ? ? ? ? ? ? ? ? ? ? ? PHENIX      ? ? ? 1.12_2829 2 
? 'data extraction' ? ? ? ? ? ? ? ? ? ? ? PDB_EXTRACT ? ? ? 3.27      3 
? 'data reduction'  ? ? ? ? ? ? ? ? ? ? ? XDS         ? ? ? .         4 
? phasing           ? ? ? ? ? ? ? ? ? ? ? SHELXD      ? ? ? .         5 
# 
_cell.angle_alpha                  90.990 
_cell.angle_alpha_esd              ? 
_cell.angle_beta                   91.420 
_cell.angle_beta_esd               ? 
_cell.angle_gamma                  102.180 
_cell.angle_gamma_esd              ? 
_cell.entry_id                     7RVC 
_cell.details                      ? 
_cell.formula_units_Z              ? 
_cell.length_a                     10.020 
_cell.length_a_esd                 ? 
_cell.length_b                     4.890 
_cell.length_b_esd                 ? 
_cell.length_c                     31.330 
_cell.length_c_esd                 ? 
_cell.volume                       ? 
_cell.volume_esd                   ? 
_cell.Z_PDB                        1 
_cell.reciprocal_angle_alpha       ? 
_cell.reciprocal_angle_beta        ? 
_cell.reciprocal_angle_gamma       ? 
_cell.reciprocal_angle_alpha_esd   ? 
_cell.reciprocal_angle_beta_esd    ? 
_cell.reciprocal_angle_gamma_esd   ? 
_cell.reciprocal_length_a          ? 
_cell.reciprocal_length_b          ? 
_cell.reciprocal_length_c          ? 
_cell.reciprocal_length_a_esd      ? 
_cell.reciprocal_length_b_esd      ? 
_cell.reciprocal_length_c_esd      ? 
_cell.pdbx_unique_axis             ? 
# 
_symmetry.entry_id                         7RVC 
_symmetry.cell_setting                     ? 
_symmetry.Int_Tables_number                1 
_symmetry.space_group_name_Hall            ? 
_symmetry.space_group_name_H-M             'P 1' 
_symmetry.pdbx_full_space_group_name_H-M   ? 
# 
_exptl.absorpt_coefficient_mu     ? 
_exptl.absorpt_correction_T_max   ? 
_exptl.absorpt_correction_T_min   ? 
_exptl.absorpt_correction_type    ? 
_exptl.absorpt_process_details    ? 
_exptl.entry_id                   7RVC 
_exptl.crystals_number            1 
_exptl.details                    ? 
_exptl.method                     'ELECTRON CRYSTALLOGRAPHY' 
_exptl.method_details             ? 
# 
_exptl_crystal.colour                      ? 
_exptl_crystal.density_diffrn              ? 
_exptl_crystal.density_Matthews            ? 
_exptl_crystal.density_method              ? 
_exptl_crystal.density_percent_sol         ? 
_exptl_crystal.description                 ? 
_exptl_crystal.F_000                       ? 
_exptl_crystal.id                          1 
_exptl_crystal.preparation                 ? 
_exptl_crystal.size_max                    ? 
_exptl_crystal.size_mid                    ? 
_exptl_crystal.size_min                    ? 
_exptl_crystal.size_rad                    ? 
_exptl_crystal.colour_lustre               ? 
_exptl_crystal.colour_modifier             ? 
_exptl_crystal.colour_primary              ? 
_exptl_crystal.density_meas                ? 
_exptl_crystal.density_meas_esd            ? 
_exptl_crystal.density_meas_gt             ? 
_exptl_crystal.density_meas_lt             ? 
_exptl_crystal.density_meas_temp           ? 
_exptl_crystal.density_meas_temp_esd       ? 
_exptl_crystal.density_meas_temp_gt        ? 
_exptl_crystal.density_meas_temp_lt        ? 
_exptl_crystal.pdbx_crystal_image_url      ? 
_exptl_crystal.pdbx_crystal_image_format   ? 
_exptl_crystal.pdbx_mosaicity              ? 
_exptl_crystal.pdbx_mosaicity_esd          ? 
# 
_exptl_crystal_grow.apparatus       ? 
_exptl_crystal_grow.atmosphere      ? 
_exptl_crystal_grow.crystal_id      1 
_exptl_crystal_grow.details         ? 
_exptl_crystal_grow.method          'VAPOR DIFFUSION, HANGING DROP' 
_exptl_crystal_grow.method_ref      ? 
_exptl_crystal_grow.pH              4.5 
_exptl_crystal_grow.pressure        ? 
_exptl_crystal_grow.pressure_esd    ? 
_exptl_crystal_grow.seeding         ? 
_exptl_crystal_grow.seeding_ref     ? 
_exptl_crystal_grow.temp            298 
_exptl_crystal_grow.temp_details    ? 
_exptl_crystal_grow.temp_esd        ? 
_exptl_crystal_grow.time            ? 
_exptl_crystal_grow.pdbx_details    '20% ethanol, 0.1 M sodium acetate, pH 4.5, 0.1 M lithium sulfate' 
_exptl_crystal_grow.pdbx_pH_range   ? 
# 
_diffrn.ambient_environment              ? 
_diffrn.ambient_temp                     100 
_diffrn.ambient_temp_details             ? 
_diffrn.ambient_temp_esd                 ? 
_diffrn.crystal_id                       1 
_diffrn.crystal_support                  ? 
_diffrn.crystal_treatment                ? 
_diffrn.details                          ? 
_diffrn.id                               1 
_diffrn.ambient_pressure                 ? 
_diffrn.ambient_pressure_esd             ? 
_diffrn.ambient_pressure_gt              ? 
_diffrn.ambient_pressure_lt              ? 
_diffrn.ambient_temp_gt                  ? 
_diffrn.ambient_temp_lt                  ? 
_diffrn.pdbx_serial_crystal_experiment   N 
# 
_diffrn_detector.details                      ? 
_diffrn_detector.detector                     CMOS 
_diffrn_detector.diffrn_id                    1 
_diffrn_detector.type                         'TVIPS TEMCAM-F416' 
_diffrn_detector.area_resol_mean              ? 
_diffrn_detector.dtime                        ? 
_diffrn_detector.pdbx_frames_total            ? 
_diffrn_detector.pdbx_collection_time_total   ? 
_diffrn_detector.pdbx_collection_date         2016-11-13 
_diffrn_detector.pdbx_frequency               ? 
# 
_diffrn_radiation.collimation                      ? 
_diffrn_radiation.diffrn_id                        1 
_diffrn_radiation.filter_edge                      ? 
_diffrn_radiation.inhomogeneity                    ? 
_diffrn_radiation.monochromator                    ? 
_diffrn_radiation.polarisn_norm                    ? 
_diffrn_radiation.polarisn_ratio                   ? 
_diffrn_radiation.probe                            ? 
_diffrn_radiation.type                             ? 
_diffrn_radiation.xray_symbol                      ? 
_diffrn_radiation.wavelength_id                    1 
_diffrn_radiation.pdbx_monochromatic_or_laue_m_l   M 
_diffrn_radiation.pdbx_wavelength_list             ? 
_diffrn_radiation.pdbx_wavelength                  ? 
_diffrn_radiation.pdbx_diffrn_protocol             'SINGLE WAVELENGTH' 
_diffrn_radiation.pdbx_analyzer                    ? 
_diffrn_radiation.pdbx_scattering_type             electron 
# 
_diffrn_radiation_wavelength.id           1 
_diffrn_radiation_wavelength.wavelength   0.0251 
_diffrn_radiation_wavelength.wt           1.0 
# 
_diffrn_source.current                     ? 
_diffrn_source.details                     ? 
_diffrn_source.diffrn_id                   1 
_diffrn_source.power                       ? 
_diffrn_source.size                        ? 
_diffrn_source.source                      'ELECTRON MICROSCOPE' 
_diffrn_source.target                      ? 
_diffrn_source.type                        OTHER 
_diffrn_source.voltage                     ? 
_diffrn_source.take-off_angle              ? 
_diffrn_source.pdbx_wavelength_list        0.0251 
_diffrn_source.pdbx_wavelength             ? 
_diffrn_source.pdbx_synchrotron_beamline   ? 
_diffrn_source.pdbx_synchrotron_site       ? 
# 
_reflns.B_iso_Wilson_estimate                          4.420 
_reflns.entry_id                                       7RVC 
_reflns.data_reduction_details                         ? 
_reflns.data_reduction_method                          ? 
_reflns.d_resolution_high                              1.000 
_reflns.d_resolution_low                               10.437 
_reflns.details                                        ? 
_reflns.limit_h_max                                    ? 
_reflns.limit_h_min                                    ? 
_reflns.limit_k_max                                    ? 
_reflns.limit_k_min                                    ? 
_reflns.limit_l_max                                    ? 
_reflns.limit_l_min                                    ? 
_reflns.number_all                                     ? 
_reflns.number_obs                                     3031 
_reflns.observed_criterion                             ? 
_reflns.observed_criterion_F_max                       ? 
_reflns.observed_criterion_F_min                       ? 
_reflns.observed_criterion_I_max                       ? 
_reflns.observed_criterion_I_min                       ? 
_reflns.observed_criterion_sigma_F                     ? 
_reflns.observed_criterion_sigma_I                     ? 
_reflns.percent_possible_obs                           97.600 
_reflns.R_free_details                                 ? 
_reflns.Rmerge_F_all                                   ? 
_reflns.Rmerge_F_obs                                   ? 
_reflns.Friedel_coverage                               ? 
_reflns.number_gt                                      ? 
_reflns.threshold_expression                           ? 
_reflns.pdbx_redundancy                                5.203 
_reflns.pdbx_Rmerge_I_obs                              0.187 
_reflns.pdbx_Rmerge_I_all                              ? 
_reflns.pdbx_Rsym_value                                ? 
_reflns.pdbx_netI_over_av_sigmaI                       ? 
_reflns.pdbx_netI_over_sigmaI                          5.560 
_reflns.pdbx_res_netI_over_av_sigmaI_2                 ? 
_reflns.pdbx_res_netI_over_sigmaI_2                    ? 
_reflns.pdbx_chi_squared                               0.855 
_reflns.pdbx_scaling_rejects                           25 
_reflns.pdbx_d_res_high_opt                            ? 
_reflns.pdbx_d_res_low_opt                             ? 
_reflns.pdbx_d_res_opt_method                          ? 
_reflns.phase_calculation_details                      ? 
_reflns.pdbx_Rrim_I_all                                0.207 
_reflns.pdbx_Rpim_I_all                                ? 
_reflns.pdbx_d_opt                                     ? 
_reflns.pdbx_number_measured_all                       15771 
_reflns.pdbx_diffrn_id                                 1 
_reflns.pdbx_ordinal                                   1 
_reflns.pdbx_CC_half                                   0.988 
_reflns.pdbx_CC_star                                   ? 
_reflns.pdbx_R_split                                   ? 
_reflns.pdbx_aniso_diffraction_limit_axis_1_ortho[1]   ? 
_reflns.pdbx_aniso_diffraction_limit_axis_1_ortho[2]   ? 
_reflns.pdbx_aniso_diffraction_limit_axis_1_ortho[3]   ? 
_reflns.pdbx_aniso_diffraction_limit_axis_2_ortho[1]   ? 
_reflns.pdbx_aniso_diffraction_limit_axis_2_ortho[2]   ? 
_reflns.pdbx_aniso_diffraction_limit_axis_2_ortho[3]   ? 
_reflns.pdbx_aniso_diffraction_limit_axis_3_ortho[1]   ? 
_reflns.pdbx_aniso_diffraction_limit_axis_3_ortho[2]   ? 
_reflns.pdbx_aniso_diffraction_limit_axis_3_ortho[3]   ? 
_reflns.pdbx_aniso_diffraction_limit_1                 ? 
_reflns.pdbx_aniso_diffraction_limit_2                 ? 
_reflns.pdbx_aniso_diffraction_limit_3                 ? 
_reflns.pdbx_aniso_B_tensor_eigenvector_1_ortho[1]     ? 
_reflns.pdbx_aniso_B_tensor_eigenvector_1_ortho[2]     ? 
_reflns.pdbx_aniso_B_tensor_eigenvector_1_ortho[3]     ? 
_reflns.pdbx_aniso_B_tensor_eigenvector_2_ortho[1]     ? 
_reflns.pdbx_aniso_B_tensor_eigenvector_2_ortho[2]     ? 
_reflns.pdbx_aniso_B_tensor_eigenvector_2_ortho[3]     ? 
_reflns.pdbx_aniso_B_tensor_eigenvector_3_ortho[1]     ? 
_reflns.pdbx_aniso_B_tensor_eigenvector_3_ortho[2]     ? 
_reflns.pdbx_aniso_B_tensor_eigenvector_3_ortho[3]     ? 
_reflns.pdbx_aniso_B_tensor_eigenvalue_1               ? 
_reflns.pdbx_aniso_B_tensor_eigenvalue_2               ? 
_reflns.pdbx_aniso_B_tensor_eigenvalue_3               ? 
_reflns.pdbx_orthogonalization_convention              ? 
_reflns.pdbx_percent_possible_ellipsoidal              ? 
_reflns.pdbx_percent_possible_spherical                ? 
_reflns.pdbx_percent_possible_ellipsoidal_anomalous    ? 
_reflns.pdbx_percent_possible_spherical_anomalous      ? 
_reflns.pdbx_redundancy_anomalous                      ? 
_reflns.pdbx_CC_half_anomalous                         ? 
_reflns.pdbx_absDiff_over_sigma_anomalous              ? 
_reflns.pdbx_percent_possible_anomalous                ? 
_reflns.pdbx_observed_signal_threshold                 ? 
_reflns.pdbx_signal_type                               ? 
_reflns.pdbx_signal_details                            ? 
_reflns.pdbx_signal_software_id                        ? 
# 
loop_
_reflns_shell.d_res_high 
_reflns_shell.d_res_low 
_reflns_shell.meanI_over_sigI_all 
_reflns_shell.meanI_over_sigI_obs 
_reflns_shell.number_measured_all 
_reflns_shell.number_measured_obs 
_reflns_shell.number_possible 
_reflns_shell.number_unique_all 
_reflns_shell.number_unique_obs 
_reflns_shell.percent_possible_all 
_reflns_shell.percent_possible_obs 
_reflns_shell.Rmerge_F_all 
_reflns_shell.Rmerge_F_obs 
_reflns_shell.Rmerge_I_all 
_reflns_shell.Rmerge_I_obs 
_reflns_shell.meanI_over_sigI_gt 
_reflns_shell.meanI_over_uI_all 
_reflns_shell.meanI_over_uI_gt 
_reflns_shell.number_measured_gt 
_reflns_shell.number_unique_gt 
_reflns_shell.percent_possible_gt 
_reflns_shell.Rmerge_F_gt 
_reflns_shell.Rmerge_I_gt 
_reflns_shell.pdbx_redundancy 
_reflns_shell.pdbx_Rsym_value 
_reflns_shell.pdbx_chi_squared 
_reflns_shell.pdbx_netI_over_sigmaI_all 
_reflns_shell.pdbx_netI_over_sigmaI_obs 
_reflns_shell.pdbx_Rrim_I_all 
_reflns_shell.pdbx_Rpim_I_all 
_reflns_shell.pdbx_rejects 
_reflns_shell.pdbx_ordinal 
_reflns_shell.pdbx_diffrn_id 
_reflns_shell.pdbx_CC_half 
_reflns_shell.pdbx_CC_star 
_reflns_shell.pdbx_R_split 
_reflns_shell.pdbx_percent_possible_ellipsoidal 
_reflns_shell.pdbx_percent_possible_spherical 
_reflns_shell.pdbx_percent_possible_ellipsoidal_anomalous 
_reflns_shell.pdbx_percent_possible_spherical_anomalous 
_reflns_shell.pdbx_redundancy_anomalous 
_reflns_shell.pdbx_CC_half_anomalous 
_reflns_shell.pdbx_absDiff_over_sigma_anomalous 
_reflns_shell.pdbx_percent_possible_anomalous 
1.000 1.030 ? 2.110  ? ? ? ? 167 77.000  ? ? ? ? 0.432 ? ? ? ? ? ? ? ? 4.102 ? ? ? ? 0.492 ? ? 1  1 0.840 ? ? ? ? ? ? ? ? ? ? 
1.030 1.060 ? 2.650  ? ? ? ? 194 95.600  ? ? ? ? 0.465 ? ? ? ? ? ? ? ? 4.856 ? ? ? ? 0.520 ? ? 2  1 0.787 ? ? ? ? ? ? ? ? ? ? 
1.060 1.090 ? 3.330  ? ? ? ? 231 100.000 ? ? ? ? 0.337 ? ? ? ? ? ? ? ? 5.117 ? ? ? ? 0.375 ? ? 3  1 0.909 ? ? ? ? ? ? ? ? ? ? 
1.090 1.120 ? 4.230  ? ? ? ? 219 100.000 ? ? ? ? 0.288 ? ? ? ? ? ? ? ? 5.297 ? ? ? ? 0.318 ? ? 4  1 0.934 ? ? ? ? ? ? ? ? ? ? 
1.120 1.160 ? 4.640  ? ? ? ? 201 100.000 ? ? ? ? 0.301 ? ? ? ? ? ? ? ? 5.572 ? ? ? ? 0.330 ? ? 5  1 0.899 ? ? ? ? ? ? ? ? ? ? 
1.160 1.200 ? 4.660  ? ? ? ? 216 99.500  ? ? ? ? 0.304 ? ? ? ? ? ? ? ? 5.829 ? ? ? ? 0.334 ? ? 6  1 0.919 ? ? ? ? ? ? ? ? ? ? 
1.200 1.240 ? 4.780  ? ? ? ? 200 100.000 ? ? ? ? 0.283 ? ? ? ? ? ? ? ? 5.390 ? ? ? ? 0.313 ? ? 7  1 0.921 ? ? ? ? ? ? ? ? ? ? 
1.240 1.290 ? 4.710  ? ? ? ? 168 99.400  ? ? ? ? 0.270 ? ? ? ? ? ? ? ? 5.113 ? ? ? ? 0.301 ? ? 8  1 0.942 ? ? ? ? ? ? ? ? ? ? 
1.290 1.350 ? 5.010  ? ? ? ? 163 100.000 ? ? ? ? 0.237 ? ? ? ? ? ? ? ? 4.920 ? ? ? ? 0.265 ? ? 9  1 0.963 ? ? ? ? ? ? ? ? ? ? 
1.350 1.420 ? 5.510  ? ? ? ? 172 100.000 ? ? ? ? 0.244 ? ? ? ? ? ? ? ? 5.314 ? ? ? ? 0.271 ? ? 10 1 0.945 ? ? ? ? ? ? ? ? ? ? 
1.420 1.490 ? 6.370  ? ? ? ? 165 100.000 ? ? ? ? 0.211 ? ? ? ? ? ? ? ? 5.509 ? ? ? ? 0.233 ? ? 11 1 0.966 ? ? ? ? ? ? ? ? ? ? 
1.490 1.580 ? 7.120  ? ? ? ? 162 98.800  ? ? ? ? 0.202 ? ? ? ? ? ? ? ? 5.710 ? ? ? ? 0.222 ? ? 12 1 0.968 ? ? ? ? ? ? ? ? ? ? 
1.580 1.690 ? 7.630  ? ? ? ? 155 100.000 ? ? ? ? 0.176 ? ? ? ? ? ? ? ? 5.290 ? ? ? ? 0.195 ? ? 13 1 0.961 ? ? ? ? ? ? ? ? ? ? 
1.690 1.830 ? 7.560  ? ? ? ? 105 99.100  ? ? ? ? 0.203 ? ? ? ? ? ? ? ? 4.848 ? ? ? ? 0.226 ? ? 14 1 0.954 ? ? ? ? ? ? ? ? ? ? 
1.830 2.000 ? 7.980  ? ? ? ? 131 99.200  ? ? ? ? 0.165 ? ? ? ? ? ? ? ? 4.870 ? ? ? ? 0.185 ? ? 15 1 0.970 ? ? ? ? ? ? ? ? ? ? 
2.000 2.240 ? 9.230  ? ? ? ? 109 100.000 ? ? ? ? 0.160 ? ? ? ? ? ? ? ? 5.413 ? ? ? ? 0.177 ? ? 16 1 0.968 ? ? ? ? ? ? ? ? ? ? 
2.240 2.590 ? 9.530  ? ? ? ? 106 97.200  ? ? ? ? 0.138 ? ? ? ? ? ? ? ? 5.406 ? ? ? ? 0.153 ? ? 17 1 0.972 ? ? ? ? ? ? ? ? ? ? 
2.590 3.170 ? 9.070  ? ? ? ? 72  97.300  ? ? ? ? 0.153 ? ? ? ? ? ? ? ? 4.472 ? ? ? ? 0.171 ? ? 18 1 0.967 ? ? ? ? ? ? ? ? ? ? 
3.170 4.480 ? 9.960  ? ? ? ? 65  98.500  ? ? ? ? 0.180 ? ? ? ? ? ? ? ? 5.031 ? ? ? ? 0.195 ? ? 19 1 0.990 ? ? ? ? ? ? ? ? ? ? 
4.480 10    ? 10.160 ? ? ? ? 30  85.700  ? ? ? ? 0.103 ? ? ? ? ? ? ? ? 5.233 ? ? ? ? 0.114 ? ? 20 1 0.990 ? ? ? ? ? ? ? ? ? ? 
# 
_refine.aniso_B[1][1]                            ? 
_refine.aniso_B[1][2]                            ? 
_refine.aniso_B[1][3]                            ? 
_refine.aniso_B[2][2]                            ? 
_refine.aniso_B[2][3]                            ? 
_refine.aniso_B[3][3]                            ? 
_refine.B_iso_max                                45.550 
_refine.B_iso_mean                               9.1631 
_refine.B_iso_min                                1.040 
_refine.correlation_coeff_Fo_to_Fc               ? 
_refine.correlation_coeff_Fo_to_Fc_free          ? 
_refine.details                                  ? 
_refine.diff_density_max                         ? 
_refine.diff_density_max_esd                     ? 
_refine.diff_density_min                         ? 
_refine.diff_density_min_esd                     ? 
_refine.diff_density_rms                         ? 
_refine.diff_density_rms_esd                     ? 
_refine.entry_id                                 7RVC 
_refine.pdbx_refine_id                           'ELECTRON CRYSTALLOGRAPHY' 
_refine.ls_abs_structure_details                 ? 
_refine.ls_abs_structure_Flack                   ? 
_refine.ls_abs_structure_Flack_esd               ? 
_refine.ls_abs_structure_Rogers                  ? 
_refine.ls_abs_structure_Rogers_esd              ? 
_refine.ls_d_res_high                            1.0020 
_refine.ls_d_res_low                             10.4370 
_refine.ls_extinction_coef                       ? 
_refine.ls_extinction_coef_esd                   ? 
_refine.ls_extinction_expression                 ? 
_refine.ls_extinction_method                     ? 
_refine.ls_goodness_of_fit_all                   ? 
_refine.ls_goodness_of_fit_all_esd               ? 
_refine.ls_goodness_of_fit_obs                   ? 
_refine.ls_goodness_of_fit_obs_esd               ? 
_refine.ls_hydrogen_treatment                    ? 
_refine.ls_matrix_type                           ? 
_refine.ls_number_constraints                    ? 
_refine.ls_number_parameters                     ? 
_refine.ls_number_reflns_all                     ? 
_refine.ls_number_reflns_obs                     3026 
_refine.ls_number_reflns_R_free                  302 
_refine.ls_number_reflns_R_work                  2724 
_refine.ls_number_restraints                     ? 
_refine.ls_percent_reflns_obs                    97.4900 
_refine.ls_percent_reflns_R_free                 9.9800 
_refine.ls_R_factor_all                          ? 
_refine.ls_R_factor_obs                          0.1632 
_refine.ls_R_factor_R_free                       0.1675 
_refine.ls_R_factor_R_free_error                 ? 
_refine.ls_R_factor_R_free_error_details         ? 
_refine.ls_R_factor_R_work                       0.1627 
_refine.ls_R_Fsqd_factor_obs                     ? 
_refine.ls_R_I_factor_obs                        ? 
_refine.ls_redundancy_reflns_all                 ? 
_refine.ls_redundancy_reflns_obs                 ? 
_refine.ls_restrained_S_all                      ? 
_refine.ls_restrained_S_obs                      ? 
_refine.ls_shift_over_esd_max                    ? 
_refine.ls_shift_over_esd_mean                   ? 
_refine.ls_structure_factor_coef                 ? 
_refine.ls_weighting_details                     ? 
_refine.ls_weighting_scheme                      ? 
_refine.ls_wR_factor_all                         ? 
_refine.ls_wR_factor_obs                         ? 
_refine.ls_wR_factor_R_free                      ? 
_refine.ls_wR_factor_R_work                      ? 
_refine.occupancy_max                            ? 
_refine.occupancy_min                            ? 
_refine.solvent_model_details                    'FLAT BULK SOLVENT MODEL' 
_refine.solvent_model_param_bsol                 ? 
_refine.solvent_model_param_ksol                 ? 
_refine.pdbx_R_complete                          ? 
_refine.ls_R_factor_gt                           ? 
_refine.ls_goodness_of_fit_gt                    ? 
_refine.ls_goodness_of_fit_ref                   ? 
_refine.ls_shift_over_su_max                     ? 
_refine.ls_shift_over_su_max_lt                  ? 
_refine.ls_shift_over_su_mean                    ? 
_refine.ls_shift_over_su_mean_lt                 ? 
_refine.pdbx_ls_sigma_I                          ? 
_refine.pdbx_ls_sigma_F                          2.080 
_refine.pdbx_ls_sigma_Fsqd                       ? 
_refine.pdbx_data_cutoff_high_absF               ? 
_refine.pdbx_data_cutoff_high_rms_absF           ? 
_refine.pdbx_data_cutoff_low_absF                ? 
_refine.pdbx_isotropic_thermal_model             ? 
_refine.pdbx_ls_cross_valid_method               THROUGHOUT 
_refine.pdbx_method_to_determine_struct          'AB INITIO PHASING' 
_refine.pdbx_starting_model                      ? 
_refine.pdbx_stereochemistry_target_values       ML 
_refine.pdbx_R_Free_selection_details            ? 
_refine.pdbx_stereochem_target_val_spec_case     ? 
_refine.pdbx_overall_ESU_R                       ? 
_refine.pdbx_overall_ESU_R_Free                  ? 
_refine.pdbx_solvent_vdw_probe_radii             1.1100 
_refine.pdbx_solvent_ion_probe_radii             ? 
_refine.pdbx_solvent_shrinkage_radii             0.9000 
_refine.pdbx_real_space_R                        ? 
_refine.pdbx_density_correlation                 ? 
_refine.pdbx_pd_number_of_powder_patterns        ? 
_refine.pdbx_pd_number_of_points                 ? 
_refine.pdbx_pd_meas_number_of_points            ? 
_refine.pdbx_pd_proc_ls_prof_R_factor            ? 
_refine.pdbx_pd_proc_ls_prof_wR_factor           ? 
_refine.pdbx_pd_Marquardt_correlation_coeff      ? 
_refine.pdbx_pd_Fsqrd_R_factor                   ? 
_refine.pdbx_pd_ls_matrix_band_width             ? 
_refine.pdbx_overall_phase_error                 18.4900 
_refine.pdbx_overall_SU_R_free_Cruickshank_DPI   ? 
_refine.pdbx_overall_SU_R_free_Blow_DPI          ? 
_refine.pdbx_overall_SU_R_Blow_DPI               ? 
_refine.pdbx_TLS_residual_ADP_flag               ? 
_refine.pdbx_diffrn_id                           1 
_refine.overall_SU_B                             ? 
_refine.overall_SU_ML                            0.0500 
_refine.overall_SU_R_Cruickshank_DPI             ? 
_refine.overall_SU_R_free                        ? 
_refine.overall_FOM_free_R_set                   ? 
_refine.overall_FOM_work_R_set                   ? 
_refine.pdbx_average_fsc_overall                 ? 
_refine.pdbx_average_fsc_work                    ? 
_refine.pdbx_average_fsc_free                    ? 
# 
_refine_hist.pdbx_refine_id                   'ELECTRON CRYSTALLOGRAPHY' 
_refine_hist.cycle_id                         final 
_refine_hist.details                          ? 
_refine_hist.d_res_high                       1.0020 
_refine_hist.d_res_low                        10.4370 
_refine_hist.number_atoms_solvent             1 
_refine_hist.number_atoms_total               80 
_refine_hist.number_reflns_all                ? 
_refine_hist.number_reflns_obs                ? 
_refine_hist.number_reflns_R_free             ? 
_refine_hist.number_reflns_R_work             ? 
_refine_hist.R_factor_all                     ? 
_refine_hist.R_factor_obs                     ? 
_refine_hist.R_factor_R_free                  ? 
_refine_hist.R_factor_R_work                  ? 
_refine_hist.pdbx_number_residues_total       9 
_refine_hist.pdbx_B_iso_mean_ligand           ? 
_refine_hist.pdbx_B_iso_mean_solvent          20.04 
_refine_hist.pdbx_number_atoms_protein        79 
_refine_hist.pdbx_number_atoms_nucleic_acid   0 
_refine_hist.pdbx_number_atoms_ligand         0 
_refine_hist.pdbx_number_atoms_lipid          ? 
_refine_hist.pdbx_number_atoms_carb           ? 
_refine_hist.pdbx_pseudo_atom_details         ? 
# 
loop_
_refine_ls_restr.pdbx_refine_id 
_refine_ls_restr.criterion 
_refine_ls_restr.dev_ideal 
_refine_ls_restr.dev_ideal_target 
_refine_ls_restr.number 
_refine_ls_restr.rejects 
_refine_ls_restr.type 
_refine_ls_restr.weight 
_refine_ls_restr.pdbx_restraint_function 
'ELECTRON CRYSTALLOGRAPHY' ? 0.017  ? 80  ? f_bond_d           ? ? 
'ELECTRON CRYSTALLOGRAPHY' ? 1.607  ? 108 ? f_angle_d          ? ? 
'ELECTRON CRYSTALLOGRAPHY' ? 0.090  ? 10  ? f_chiral_restr     ? ? 
'ELECTRON CRYSTALLOGRAPHY' ? 0.008  ? 16  ? f_plane_restr      ? ? 
'ELECTRON CRYSTALLOGRAPHY' ? 14.076 ? 28  ? f_dihedral_angle_d ? ? 
# 
loop_
_refine_ls_shell.pdbx_refine_id 
_refine_ls_shell.d_res_high 
_refine_ls_shell.d_res_low 
_refine_ls_shell.number_reflns_all 
_refine_ls_shell.number_reflns_obs 
_refine_ls_shell.number_reflns_R_free 
_refine_ls_shell.number_reflns_R_work 
_refine_ls_shell.percent_reflns_obs 
_refine_ls_shell.percent_reflns_R_free 
_refine_ls_shell.R_factor_all 
_refine_ls_shell.R_factor_obs 
_refine_ls_shell.R_factor_R_free 
_refine_ls_shell.R_factor_R_free_error 
_refine_ls_shell.R_factor_R_work 
_refine_ls_shell.redundancy_reflns_all 
_refine_ls_shell.redundancy_reflns_obs 
_refine_ls_shell.wR_factor_all 
_refine_ls_shell.wR_factor_obs 
_refine_ls_shell.wR_factor_R_free 
_refine_ls_shell.wR_factor_R_work 
_refine_ls_shell.pdbx_R_complete 
_refine_ls_shell.pdbx_total_number_of_bins_used 
_refine_ls_shell.pdbx_phase_error 
_refine_ls_shell.pdbx_fsc_work 
_refine_ls_shell.pdbx_fsc_free 
'ELECTRON CRYSTALLOGRAPHY' 1.0020 1.2621 . . 148 1346 96.0000 . . . 0.1881 0.0000 0.1737 . . . . . . . . . . . 
'ELECTRON CRYSTALLOGRAPHY' 1.2621 10     . . 154 1378 99.0000 . . . 0.1586 0.0000 0.1578 . . . . . . . . . . . 
# 
_struct.entry_id                     7RVC 
_struct.title                        'Segment from the human prion protein 168-176 EYSNQNNFV' 
_struct.pdbx_model_details           ? 
_struct.pdbx_formula_weight          ? 
_struct.pdbx_formula_weight_method   ? 
_struct.pdbx_model_type_details      ? 
_struct.pdbx_CASP_flag               N 
# 
_struct_keywords.entry_id        7RVC 
_struct_keywords.text            'amyloid, prion, fibril, PROTEIN FIBRIL' 
_struct_keywords.pdbx_keywords   'PROTEIN FIBRIL' 
# 
loop_
_struct_asym.id 
_struct_asym.pdbx_blank_PDB_chainid_flag 
_struct_asym.pdbx_modified 
_struct_asym.entity_id 
_struct_asym.details 
A N N 1 ? 
B N N 2 ? 
# 
_struct_ref.id                         1 
_struct_ref.db_name                    UNP 
_struct_ref.db_code                    PRIO_HUMAN 
_struct_ref.pdbx_db_accession          P04156 
_struct_ref.pdbx_db_isoform            ? 
_struct_ref.entity_id                  1 
_struct_ref.pdbx_seq_one_letter_code   EYSNQNNFV 
_struct_ref.pdbx_align_begin           168 
# 
_struct_ref_seq.align_id                      1 
_struct_ref_seq.ref_id                        1 
_struct_ref_seq.pdbx_PDB_id_code              7RVC 
_struct_ref_seq.pdbx_strand_id                A 
_struct_ref_seq.seq_align_beg                 1 
_struct_ref_seq.pdbx_seq_align_beg_ins_code   ? 
_struct_ref_seq.seq_align_end                 9 
_struct_ref_seq.pdbx_seq_align_end_ins_code   ? 
_struct_ref_seq.pdbx_db_accession             P04156 
_struct_ref_seq.db_align_beg                  168 
_struct_ref_seq.pdbx_db_align_beg_ins_code    ? 
_struct_ref_seq.db_align_end                  176 
_struct_ref_seq.pdbx_db_align_end_ins_code    ? 
_struct_ref_seq.pdbx_auth_seq_align_beg       168 
_struct_ref_seq.pdbx_auth_seq_align_end       176 
# 
_pdbx_struct_assembly.id                   1 
_pdbx_struct_assembly.details              author_defined_assembly 
_pdbx_struct_assembly.method_details       ? 
_pdbx_struct_assembly.oligomeric_details   monomeric 
_pdbx_struct_assembly.oligomeric_count     1 
# 
loop_
_pdbx_struct_assembly_prop.biol_id 
_pdbx_struct_assembly_prop.type 
_pdbx_struct_assembly_prop.value 
_pdbx_struct_assembly_prop.details 
1 'ABSA (A^2)' 0    ? 
1 MORE         0    ? 
1 'SSA (A^2)'  1370 ? 
# 
_pdbx_struct_assembly_gen.assembly_id       1 
_pdbx_struct_assembly_gen.oper_expression   1 
_pdbx_struct_assembly_gen.asym_id_list      A,B 
# 
_pdbx_struct_assembly_auth_evidence.id                     1 
_pdbx_struct_assembly_auth_evidence.assembly_id            1 
_pdbx_struct_assembly_auth_evidence.experimental_support   'electron microscopy' 
_pdbx_struct_assembly_auth_evidence.details                ? 
# 
_pdbx_struct_oper_list.id                   1 
_pdbx_struct_oper_list.type                 'identity operation' 
_pdbx_struct_oper_list.name                 1_555 
_pdbx_struct_oper_list.symmetry_operation   x,y,z 
_pdbx_struct_oper_list.matrix[1][1]         1.0000000000 
_pdbx_struct_oper_list.matrix[1][2]         0.0000000000 
_pdbx_struct_oper_list.matrix[1][3]         0.0000000000 
_pdbx_struct_oper_list.vector[1]            0.0000000000 
_pdbx_struct_oper_list.matrix[2][1]         0.0000000000 
_pdbx_struct_oper_list.matrix[2][2]         1.0000000000 
_pdbx_struct_oper_list.matrix[2][3]         0.0000000000 
_pdbx_struct_oper_list.vector[2]            0.0000000000 
_pdbx_struct_oper_list.matrix[3][1]         0.0000000000 
_pdbx_struct_oper_list.matrix[3][2]         0.0000000000 
_pdbx_struct_oper_list.matrix[3][3]         1.0000000000 
_pdbx_struct_oper_list.vector[3]            0.0000000000 
# 
_em_3d_reconstruction.entry_id                    7RVC 
_em_3d_reconstruction.id                          1 
_em_3d_reconstruction.algorithm                   ? 
_em_3d_reconstruction.details                     ? 
_em_3d_reconstruction.refinement_type             ? 
_em_3d_reconstruction.image_processing_id         1 
_em_3d_reconstruction.num_class_averages          ? 
_em_3d_reconstruction.num_particles               ? 
_em_3d_reconstruction.resolution                  1.0020 
_em_3d_reconstruction.resolution_method           'DIFFRACTION PATTERN/LAYERLINES' 
_em_3d_reconstruction.symmetry_type               '3D CRYSTAL' 
_em_3d_reconstruction.method                      ? 
_em_3d_reconstruction.nominal_pixel_size          ? 
_em_3d_reconstruction.actual_pixel_size           ? 
_em_3d_reconstruction.magnification_calibration   ? 
# 
_em_entity_assembly.details              ? 
_em_entity_assembly.entity_id_list       ? 
_em_entity_assembly.id                   1 
_em_entity_assembly.name                 'Major prion protein' 
_em_entity_assembly.oligomeric_details   ? 
_em_entity_assembly.parent_id            0 
_em_entity_assembly.source               NATURAL 
_em_entity_assembly.synonym              ? 
_em_entity_assembly.type                 COMPLEX 
# 
_em_imaging.id                              1 
_em_imaging.entry_id                        7RVC 
_em_imaging.accelerating_voltage            300 
_em_imaging.alignment_procedure             . 
_em_imaging.c2_aperture_diameter            . 
_em_imaging.calibrated_defocus_max          ? 
_em_imaging.calibrated_defocus_min          ? 
_em_imaging.calibrated_magnification        ? 
_em_imaging.cryogen                         NITROGEN 
_em_imaging.details                         ? 
_em_imaging.electron_source                 'FIELD EMISSION GUN' 
_em_imaging.illumination_mode               'FLOOD BEAM' 
_em_imaging.microscope_model                'FEI TECNAI F30' 
_em_imaging.mode                            DIFFRACTION 
_em_imaging.nominal_cs                      ? 
_em_imaging.nominal_defocus_max             ? 
_em_imaging.nominal_defocus_min             ? 
_em_imaging.nominal_magnification           ? 
_em_imaging.recording_temperature_maximum   ? 
_em_imaging.recording_temperature_minimum   ? 
_em_imaging.residual_tilt                   ? 
_em_imaging.specimen_holder_model           . 
_em_imaging.specimen_id                     1 
_em_imaging.citation_id                     ? 
_em_imaging.date                            ? 
_em_imaging.temperature                     ? 
_em_imaging.tilt_angle_min                  ? 
_em_imaging.tilt_angle_max                  ? 
_em_imaging.astigmatism                     ? 
_em_imaging.detector_distance               ? 
_em_imaging.electron_beam_tilt_params       ? 
_em_imaging.specimen_holder_type            ? 
# 
_em_experiment.entry_id                7RVC 
_em_experiment.id                      1 
_em_experiment.aggregation_state       '3D ARRAY' 
_em_experiment.reconstruction_method   CRYSTALLOGRAPHY 
_em_experiment.entity_assembly_id      1 
# 
loop_
_chem_comp_atom.comp_id 
_chem_comp_atom.atom_id 
_chem_comp_atom.type_symbol 
_chem_comp_atom.pdbx_aromatic_flag 
_chem_comp_atom.pdbx_stereo_config 
_chem_comp_atom.pdbx_ordinal 
ASN N    N N N 1   
ASN CA   C N S 2   
ASN C    C N N 3   
ASN O    O N N 4   
ASN CB   C N N 5   
ASN CG   C N N 6   
ASN OD1  O N N 7   
ASN ND2  N N N 8   
ASN OXT  O N N 9   
ASN H    H N N 10  
ASN H2   H N N 11  
ASN HA   H N N 12  
ASN HB2  H N N 13  
ASN HB3  H N N 14  
ASN HD21 H N N 15  
ASN HD22 H N N 16  
ASN HXT  H N N 17  
GLN N    N N N 18  
GLN CA   C N S 19  
GLN C    C N N 20  
GLN O    O N N 21  
GLN CB   C N N 22  
GLN CG   C N N 23  
GLN CD   C N N 24  
GLN OE1  O N N 25  
GLN NE2  N N N 26  
GLN OXT  O N N 27  
GLN H    H N N 28  
GLN H2   H N N 29  
GLN HA   H N N 30  
GLN HB2  H N N 31  
GLN HB3  H N N 32  
GLN HG2  H N N 33  
GLN HG3  H N N 34  
GLN HE21 H N N 35  
GLN HE22 H N N 36  
GLN HXT  H N N 37  
GLU N    N N N 38  
GLU CA   C N S 39  
GLU C    C N N 40  
GLU O    O N N 41  
GLU CB   C N N 42  
GLU CG   C N N 43  
GLU CD   C N N 44  
GLU OE1  O N N 45  
GLU OE2  O N N 46  
GLU OXT  O N N 47  
GLU H    H N N 48  
GLU H2   H N N 49  
GLU HA   H N N 50  
GLU HB2  H N N 51  
GLU HB3  H N N 52  
GLU HG2  H N N 53  
GLU HG3  H N N 54  
GLU HE2  H N N 55  
GLU HXT  H N N 56  
HOH O    O N N 57  
HOH H1   H N N 58  
HOH H2   H N N 59  
PHE N    N N N 60  
PHE CA   C N S 61  
PHE C    C N N 62  
PHE O    O N N 63  
PHE CB   C N N 64  
PHE CG   C Y N 65  
PHE CD1  C Y N 66  
PHE CD2  C Y N 67  
PHE CE1  C Y N 68  
PHE CE2  C Y N 69  
PHE CZ   C Y N 70  
PHE OXT  O N N 71  
PHE H    H N N 72  
PHE H2   H N N 73  
PHE HA   H N N 74  
PHE HB2  H N N 75  
PHE HB3  H N N 76  
PHE HD1  H N N 77  
PHE HD2  H N N 78  
PHE HE1  H N N 79  
PHE HE2  H N N 80  
PHE HZ   H N N 81  
PHE HXT  H N N 82  
SER N    N N N 83  
SER CA   C N S 84  
SER C    C N N 85  
SER O    O N N 86  
SER CB   C N N 87  
SER OG   O N N 88  
SER OXT  O N N 89  
SER H    H N N 90  
SER H2   H N N 91  
SER HA   H N N 92  
SER HB2  H N N 93  
SER HB3  H N N 94  
SER HG   H N N 95  
SER HXT  H N N 96  
TYR N    N N N 97  
TYR CA   C N S 98  
TYR C    C N N 99  
TYR O    O N N 100 
TYR CB   C N N 101 
TYR CG   C Y N 102 
TYR CD1  C Y N 103 
TYR CD2  C Y N 104 
TYR CE1  C Y N 105 
TYR CE2  C Y N 106 
TYR CZ   C Y N 107 
TYR OH   O N N 108 
TYR OXT  O N N 109 
TYR H    H N N 110 
TYR H2   H N N 111 
TYR HA   H N N 112 
TYR HB2  H N N 113 
TYR HB3  H N N 114 
TYR HD1  H N N 115 
TYR HD2  H N N 116 
TYR HE1  H N N 117 
TYR HE2  H N N 118 
TYR HH   H N N 119 
TYR HXT  H N N 120 
VAL N    N N N 121 
VAL CA   C N S 122 
VAL C    C N N 123 
VAL O    O N N 124 
VAL CB   C N N 125 
VAL CG1  C N N 126 
VAL CG2  C N N 127 
VAL OXT  O N N 128 
VAL H    H N N 129 
VAL H2   H N N 130 
VAL HA   H N N 131 
VAL HB   H N N 132 
VAL HG11 H N N 133 
VAL HG12 H N N 134 
VAL HG13 H N N 135 
VAL HG21 H N N 136 
VAL HG22 H N N 137 
VAL HG23 H N N 138 
VAL HXT  H N N 139 
# 
loop_
_chem_comp_bond.comp_id 
_chem_comp_bond.atom_id_1 
_chem_comp_bond.atom_id_2 
_chem_comp_bond.value_order 
_chem_comp_bond.pdbx_aromatic_flag 
_chem_comp_bond.pdbx_stereo_config 
_chem_comp_bond.pdbx_ordinal 
ASN N   CA   sing N N 1   
ASN N   H    sing N N 2   
ASN N   H2   sing N N 3   
ASN CA  C    sing N N 4   
ASN CA  CB   sing N N 5   
ASN CA  HA   sing N N 6   
ASN C   O    doub N N 7   
ASN C   OXT  sing N N 8   
ASN CB  CG   sing N N 9   
ASN CB  HB2  sing N N 10  
ASN CB  HB3  sing N N 11  
ASN CG  OD1  doub N N 12  
ASN CG  ND2  sing N N 13  
ASN ND2 HD21 sing N N 14  
ASN ND2 HD22 sing N N 15  
ASN OXT HXT  sing N N 16  
GLN N   CA   sing N N 17  
GLN N   H    sing N N 18  
GLN N   H2   sing N N 19  
GLN CA  C    sing N N 20  
GLN CA  CB   sing N N 21  
GLN CA  HA   sing N N 22  
GLN C   O    doub N N 23  
GLN C   OXT  sing N N 24  
GLN CB  CG   sing N N 25  
GLN CB  HB2  sing N N 26  
GLN CB  HB3  sing N N 27  
GLN CG  CD   sing N N 28  
GLN CG  HG2  sing N N 29  
GLN CG  HG3  sing N N 30  
GLN CD  OE1  doub N N 31  
GLN CD  NE2  sing N N 32  
GLN NE2 HE21 sing N N 33  
GLN NE2 HE22 sing N N 34  
GLN OXT HXT  sing N N 35  
GLU N   CA   sing N N 36  
GLU N   H    sing N N 37  
GLU N   H2   sing N N 38  
GLU CA  C    sing N N 39  
GLU CA  CB   sing N N 40  
GLU CA  HA   sing N N 41  
GLU C   O    doub N N 42  
GLU C   OXT  sing N N 43  
GLU CB  CG   sing N N 44  
GLU CB  HB2  sing N N 45  
GLU CB  HB3  sing N N 46  
GLU CG  CD   sing N N 47  
GLU CG  HG2  sing N N 48  
GLU CG  HG3  sing N N 49  
GLU CD  OE1  doub N N 50  
GLU CD  OE2  sing N N 51  
GLU OE2 HE2  sing N N 52  
GLU OXT HXT  sing N N 53  
HOH O   H1   sing N N 54  
HOH O   H2   sing N N 55  
PHE N   CA   sing N N 56  
PHE N   H    sing N N 57  
PHE N   H2   sing N N 58  
PHE CA  C    sing N N 59  
PHE CA  CB   sing N N 60  
PHE CA  HA   sing N N 61  
PHE C   O    doub N N 62  
PHE C   OXT  sing N N 63  
PHE CB  CG   sing N N 64  
PHE CB  HB2  sing N N 65  
PHE CB  HB3  sing N N 66  
PHE CG  CD1  doub Y N 67  
PHE CG  CD2  sing Y N 68  
PHE CD1 CE1  sing Y N 69  
PHE CD1 HD1  sing N N 70  
PHE CD2 CE2  doub Y N 71  
PHE CD2 HD2  sing N N 72  
PHE CE1 CZ   doub Y N 73  
PHE CE1 HE1  sing N N 74  
PHE CE2 CZ   sing Y N 75  
PHE CE2 HE2  sing N N 76  
PHE CZ  HZ   sing N N 77  
PHE OXT HXT  sing N N 78  
SER N   CA   sing N N 79  
SER N   H    sing N N 80  
SER N   H2   sing N N 81  
SER CA  C    sing N N 82  
SER CA  CB   sing N N 83  
SER CA  HA   sing N N 84  
SER C   O    doub N N 85  
SER C   OXT  sing N N 86  
SER CB  OG   sing N N 87  
SER CB  HB2  sing N N 88  
SER CB  HB3  sing N N 89  
SER OG  HG   sing N N 90  
SER OXT HXT  sing N N 91  
TYR N   CA   sing N N 92  
TYR N   H    sing N N 93  
TYR N   H2   sing N N 94  
TYR CA  C    sing N N 95  
TYR CA  CB   sing N N 96  
TYR CA  HA   sing N N 97  
TYR C   O    doub N N 98  
TYR C   OXT  sing N N 99  
TYR CB  CG   sing N N 100 
TYR CB  HB2  sing N N 101 
TYR CB  HB3  sing N N 102 
TYR CG  CD1  doub Y N 103 
TYR CG  CD2  sing Y N 104 
TYR CD1 CE1  sing Y N 105 
TYR CD1 HD1  sing N N 106 
TYR CD2 CE2  doub Y N 107 
TYR CD2 HD2  sing N N 108 
TYR CE1 CZ   doub Y N 109 
TYR CE1 HE1  sing N N 110 
TYR CE2 CZ   sing Y N 111 
TYR CE2 HE2  sing N N 112 
TYR CZ  OH   sing N N 113 
TYR OH  HH   sing N N 114 
TYR OXT HXT  sing N N 115 
VAL N   CA   sing N N 116 
VAL N   H    sing N N 117 
VAL N   H2   sing N N 118 
VAL CA  C    sing N N 119 
VAL CA  CB   sing N N 120 
VAL CA  HA   sing N N 121 
VAL C   O    doub N N 122 
VAL C   OXT  sing N N 123 
VAL CB  CG1  sing N N 124 
VAL CB  CG2  sing N N 125 
VAL CB  HB   sing N N 126 
VAL CG1 HG11 sing N N 127 
VAL CG1 HG12 sing N N 128 
VAL CG1 HG13 sing N N 129 
VAL CG2 HG21 sing N N 130 
VAL CG2 HG22 sing N N 131 
VAL CG2 HG23 sing N N 132 
VAL OXT HXT  sing N N 133 
# 
_em_3d_crystal_entity.id                    1 
_em_3d_crystal_entity.image_processing_id   1 
_em_3d_crystal_entity.angle_alpha           90.990 
_em_3d_crystal_entity.angle_beta            91.420 
_em_3d_crystal_entity.angle_gamma           102.180 
_em_3d_crystal_entity.length_a              10.020 
_em_3d_crystal_entity.length_b              4.890 
_em_3d_crystal_entity.length_c              31.330 
_em_3d_crystal_entity.space_group_name      'P 1' 
_em_3d_crystal_entity.space_group_num       1 
# 
_em_diffraction.id                1 
_em_diffraction.camera_length     1 
_em_diffraction.imaging_id        1 
_em_diffraction.tilt_angle_list   ? 
# 
_em_entity_assembly_naturalsource.cell                 ? 
_em_entity_assembly_naturalsource.cellular_location    ? 
_em_entity_assembly_naturalsource.entity_assembly_id   1 
_em_entity_assembly_naturalsource.id                   1 
_em_entity_assembly_naturalsource.ncbi_tax_id          9606 
_em_entity_assembly_naturalsource.organ                ? 
_em_entity_assembly_naturalsource.organelle            ? 
_em_entity_assembly_naturalsource.organism             'Homo sapiens' 
_em_entity_assembly_naturalsource.strain               ? 
_em_entity_assembly_naturalsource.tissue               ? 
# 
_em_image_processing.id                   1 
_em_image_processing.image_recording_id   1 
_em_image_processing.details              ? 
# 
_em_image_recording.id                            1 
_em_image_recording.imaging_id                    1 
_em_image_recording.avg_electron_dose_per_image   . 
_em_image_recording.average_exposure_time         . 
_em_image_recording.details                       ? 
_em_image_recording.detector_mode                 ? 
_em_image_recording.film_or_detector_model        'TVIPS TEMCAM-F416 (4k x 4k)' 
_em_image_recording.num_diffraction_images        . 
_em_image_recording.num_grids_imaged              1 
_em_image_recording.num_real_images               1 
# 
_em_specimen.id                      1 
_em_specimen.experiment_id           1 
_em_specimen.concentration           10 
_em_specimen.details                 ? 
_em_specimen.embedding_applied       NO 
_em_specimen.shadowing_applied       NO 
_em_specimen.staining_applied        NO 
_em_specimen.vitrification_applied   NO 
# 
loop_
_pdbx_audit_support.funding_organization 
_pdbx_audit_support.country 
_pdbx_audit_support.grant_number 
_pdbx_audit_support.ordinal 
'National Institutes of Health/National Institute of General Medical Sciences (NIH/NIGMS)'        ? R35GM128867  1 
'National Institutes of Health/National Institute Of Allergy and Infectious Diseases (NIH/NIAID)' ? 1F31AI143368 2 
# 
_atom_sites.entry_id                    7RVC 
_atom_sites.Cartn_transf_matrix[1][1]   ? 
_atom_sites.Cartn_transf_matrix[1][2]   ? 
_atom_sites.Cartn_transf_matrix[1][3]   ? 
_atom_sites.Cartn_transf_matrix[2][1]   ? 
_atom_sites.Cartn_transf_matrix[2][2]   ? 
_atom_sites.Cartn_transf_matrix[2][3]   ? 
_atom_sites.Cartn_transf_matrix[3][1]   ? 
_atom_sites.Cartn_transf_matrix[3][2]   ? 
_atom_sites.Cartn_transf_matrix[3][3]   ? 
_atom_sites.Cartn_transf_vector[1]      ? 
_atom_sites.Cartn_transf_vector[2]      ? 
_atom_sites.Cartn_transf_vector[3]      ? 
_atom_sites.fract_transf_matrix[1][1]   -0.06507341 
_atom_sites.fract_transf_matrix[1][2]   0.01349645 
_atom_sites.fract_transf_matrix[1][3]   -0.07756545 
_atom_sites.fract_transf_matrix[2][1]   -0.08768678 
_atom_sites.fract_transf_matrix[2][2]   0.18402894 
_atom_sites.fract_transf_matrix[2][3]   0.04728986 
_atom_sites.fract_transf_matrix[3][1]   0.02203106 
_atom_sites.fract_transf_matrix[3][2]   0.01569499 
_atom_sites.fract_transf_matrix[3][3]   -0.01697856 
_atom_sites.fract_transf_vector[1]      0.998329 
_atom_sites.fract_transf_vector[2]      -0.030387 
_atom_sites.fract_transf_vector[3]      -0.040943 
_atom_sites.solution_primary            ? 
_atom_sites.solution_secondary          ? 
_atom_sites.solution_hydrogens          ? 
_atom_sites.special_details             ? 
# 
loop_
_atom_type.symbol 
C 
H 
N 
O 
# 
loop_
_atom_site.group_PDB 
_atom_site.id 
_atom_site.type_symbol 
_atom_site.label_atom_id 
_atom_site.label_alt_id 
_atom_site.label_comp_id 
_atom_site.label_asym_id 
_atom_site.label_entity_id 
_atom_site.label_seq_id 
_atom_site.pdbx_PDB_ins_code 
_atom_site.Cartn_x 
_atom_site.Cartn_y 
_atom_site.Cartn_z 
_atom_site.occupancy 
_atom_site.B_iso_or_equiv 
_atom_site.pdbx_formal_charge 
_atom_site.auth_seq_id 
_atom_site.auth_comp_id 
_atom_site.auth_asym_id 
_atom_site.auth_atom_id 
_atom_site.pdbx_PDB_model_num 
ATOM   1   N N    . GLU A 1 1 ? 13.835  5.317  -3.067 1.00 19.96 ? 168 GLU A N    1 
ATOM   2   C CA   . GLU A 1 1 ? 12.403  5.532  -3.266 1.00 18.18 ? 168 GLU A CA   1 
ATOM   3   C C    . GLU A 1 1 ? 11.597  4.365  -2.687 1.00 11.36 ? 168 GLU A C    1 
ATOM   4   O O    . GLU A 1 1 ? 11.929  3.197  -2.917 1.00 12.54 ? 168 GLU A O    1 
ATOM   5   C CB   . GLU A 1 1 ? 12.100  5.695  -4.756 1.00 24.14 ? 168 GLU A CB   1 
ATOM   6   C CG   . GLU A 1 1 ? 10.652  5.981  -5.065 1.00 30.83 ? 168 GLU A CG   1 
ATOM   7   C CD   . GLU A 1 1 ? 10.414  6.258  -6.533 1.00 40.61 ? 168 GLU A CD   1 
ATOM   8   O OE1  . GLU A 1 1 ? 11.273  5.880  -7.360 1.00 43.04 ? 168 GLU A OE1  1 
ATOM   9   O OE2  . GLU A 1 1 ? 9.367   6.859  -6.861 1.00 45.55 ? 168 GLU A OE2  1 
ATOM   10  H H1   . GLU A 1 1 ? 14.330  5.939  -3.393 1.00 24.00 ? 168 GLU A H1   1 
ATOM   11  H HA   . GLU A 1 1 ? 12.135  6.344  -2.809 1.00 21.86 ? 168 GLU A HA   1 
ATOM   12  H HB2  . GLU A 1 1 ? 12.628  6.432  -5.102 1.00 29.02 ? 168 GLU A HB2  1 
ATOM   13  H HB3  . GLU A 1 1 ? 12.344  4.875  -5.214 1.00 29.02 ? 168 GLU A HB3  1 
ATOM   14  H HG2  . GLU A 1 1 ? 10.115  5.212  -4.815 1.00 37.04 ? 168 GLU A HG2  1 
ATOM   15  H HG3  . GLU A 1 1 ? 10.369  6.761  -4.563 1.00 37.04 ? 168 GLU A HG3  1 
ATOM   16  N N    . TYR A 1 2 ? 10.527  4.707  -1.964 1.00 7.49  ? 169 TYR A N    1 
ATOM   17  C CA   . TYR A 1 2 ? 9.693   3.756  -1.231 1.00 4.66  ? 169 TYR A CA   1 
ATOM   18  C C    . TYR A 1 2 ? 8.214   4.010  -1.533 1.00 3.98  ? 169 TYR A C    1 
ATOM   19  O O    . TYR A 1 2 ? 7.699   5.081  -1.211 1.00 4.19  ? 169 TYR A O    1 
ATOM   20  C CB   . TYR A 1 2 ? 9.949   3.960  0.262  1.00 5.08  ? 169 TYR A CB   1 
ATOM   21  C CG   . TYR A 1 2 ? 9.200   3.051  1.198  1.00 3.81  ? 169 TYR A CG   1 
ATOM   22  C CD1  . TYR A 1 2 ? 7.893   3.339  1.593  1.00 4.74  ? 169 TYR A CD1  1 
ATOM   23  C CD2  . TYR A 1 2 ? 9.822   1.953  1.750  1.00 4.54  ? 169 TYR A CD2  1 
ATOM   24  C CE1  . TYR A 1 2 ? 7.206   2.517  2.487  1.00 3.90  ? 169 TYR A CE1  1 
ATOM   25  C CE2  . TYR A 1 2 ? 9.161   1.142  2.642  1.00 5.25  ? 169 TYR A CE2  1 
ATOM   26  C CZ   . TYR A 1 2 ? 7.852   1.430  3.008  1.00 3.03  ? 169 TYR A CZ   1 
ATOM   27  O OH   . TYR A 1 2 ? 7.175   0.650  3.886  1.00 3.36  ? 169 TYR A OH   1 
ATOM   28  H H    . TYR A 1 2 ? 10.254  5.520  -1.883 1.00 9.04  ? 169 TYR A H    1 
ATOM   29  H HA   . TYR A 1 2 ? 9.921   2.846  -1.477 1.00 5.63  ? 169 TYR A HA   1 
ATOM   30  H HB2  . TYR A 1 2 ? 10.896  3.828  0.428  1.00 6.14  ? 169 TYR A HB2  1 
ATOM   31  H HB3  . TYR A 1 2 ? 9.707   4.871  0.489  1.00 6.14  ? 169 TYR A HB3  1 
ATOM   32  H HD1  . TYR A 1 2 ? 7.464   4.083  1.237  1.00 5.74  ? 169 TYR A HD1  1 
ATOM   33  H HD2  . TYR A 1 2 ? 10.700  1.755  1.513  1.00 5.50  ? 169 TYR A HD2  1 
ATOM   34  H HE1  . TYR A 1 2 ? 6.332   2.714  2.737  1.00 4.72  ? 169 TYR A HE1  1 
ATOM   35  H HE2  . TYR A 1 2 ? 9.589   0.396  2.998  1.00 6.35  ? 169 TYR A HE2  1 
ATOM   36  H HH   . TYR A 1 2 ? 7.662   0.016  4.142  1.00 4.08  ? 169 TYR A HH   1 
ATOM   37  N N    . SER A 1 3 ? 7.511   3.021  -2.109 1.00 4.18  ? 170 SER A N    1 
ATOM   38  C CA   . SER A 1 3 ? 6.102   3.156  -2.510 1.00 3.50  ? 170 SER A CA   1 
ATOM   39  C C    . SER A 1 3 ? 5.257   1.979  -2.017 1.00 2.75  ? 170 SER A C    1 
ATOM   40  O O    . SER A 1 3 ? 5.614   0.828  -2.279 1.00 3.77  ? 170 SER A O    1 
ATOM   41  C CB   . SER A 1 3 ? 6.017   3.203  -4.035 1.00 5.04  ? 170 SER A CB   1 
ATOM   42  O OG   . SER A 1 3 ? 6.830   4.244  -4.535 1.00 7.71  ? 170 SER A OG   1 
ATOM   43  H H    . SER A 1 3 ? 7.839   2.245  -2.282 1.00 5.06  ? 170 SER A H    1 
ATOM   44  H HA   . SER A 1 3 ? 5.735   3.978  -2.150 1.00 4.24  ? 170 SER A HA   1 
ATOM   45  H HB2  . SER A 1 3 ? 6.326   2.358  -4.397 1.00 6.10  ? 170 SER A HB2  1 
ATOM   46  H HB3  . SER A 1 3 ? 5.097   3.363  -4.298 1.00 6.10  ? 170 SER A HB3  1 
ATOM   47  H HG   . SER A 1 3 ? 6.573   4.982  -4.226 1.00 9.30  ? 170 SER A HG   1 
ATOM   48  N N    . ASN A 1 4 ? 4.106   2.272  -1.356 1.00 2.17  ? 171 ASN A N    1 
ATOM   49  C CA   . ASN A 1 4 ? 3.292   1.298  -0.616 1.00 2.32  ? 171 ASN A CA   1 
ATOM   50  C C    . ASN A 1 4 ? 1.762   1.549  -0.708 1.00 2.32  ? 171 ASN A C    1 
ATOM   51  O O    . ASN A 1 4 ? 1.321   2.688  -0.549 1.00 2.37  ? 171 ASN A O    1 
ATOM   52  C CB   . ASN A 1 4 ? 3.724   1.415  0.844  1.00 3.69  ? 171 ASN A CB   1 
ATOM   53  C CG   . ASN A 1 4 ? 3.101   0.378  1.716  1.00 2.21  ? 171 ASN A CG   1 
ATOM   54  O OD1  . ASN A 1 4 ? 3.102   -0.796 1.385  1.00 2.03  ? 171 ASN A OD1  1 
ATOM   55  N ND2  . ASN A 1 4 ? 2.573   0.811  2.870  1.00 3.73  ? 171 ASN A ND2  1 
ATOM   56  H H    . ASN A 1 4 ? 3.774   3.065  -1.329 1.00 2.65  ? 171 ASN A H    1 
ATOM   57  H HA   . ASN A 1 4 ? 3.482   0.400  -0.930 1.00 2.84  ? 171 ASN A HA   1 
ATOM   58  H HB2  . ASN A 1 4 ? 4.686   1.314  0.896  1.00 4.47  ? 171 ASN A HB2  1 
ATOM   59  H HB3  . ASN A 1 4 ? 3.463   2.287  1.181  1.00 4.47  ? 171 ASN A HB3  1 
ATOM   60  H HD21 . ASN A 1 4 ? 2.203   0.253  3.410  1.00 4.53  ? 171 ASN A HD21 1 
ATOM   61  H HD22 . ASN A 1 4 ? 2.597   1.648  3.067  1.00 4.53  ? 171 ASN A HD22 1 
ATOM   62  N N    . GLN A 1 5 ? 0.934   0.500  -0.918 1.00 2.37  ? 172 GLN A N    1 
ATOM   63  C CA   . GLN A 1 5 ? -0.549  0.606  -0.859 1.00 1.26  ? 172 GLN A CA   1 
ATOM   64  C C    . GLN A 1 5 ? -1.184  -0.718 -0.434 1.00 1.34  ? 172 GLN A C    1 
ATOM   65  O O    . GLN A 1 5 ? -0.767  -1.765 -0.917 1.00 1.63  ? 172 GLN A O    1 
ATOM   66  C CB   . GLN A 1 5 ? -1.178  0.973  -2.205 1.00 1.61  ? 172 GLN A CB   1 
ATOM   67  C CG   . GLN A 1 5 ? -2.626  1.572  -2.125 1.00 2.37  ? 172 GLN A CG   1 
ATOM   68  C CD   . GLN A 1 5 ? -3.783  0.541  -1.984 1.00 1.64  ? 172 GLN A CD   1 
ATOM   69  O OE1  . GLN A 1 5 ? -3.726  -0.565 -2.526 1.00 1.96  ? 172 GLN A OE1  1 
ATOM   70  N NE2  . GLN A 1 5 ? -4.855  0.937  -1.279 1.00 2.17  ? 172 GLN A NE2  1 
ATOM   71  H H    . GLN A 1 5 ? 1.210   -0.295 -1.099 1.00 2.89  ? 172 GLN A H    1 
ATOM   72  H HA   . GLN A 1 5 ? -0.796  1.285  -0.212 1.00 1.57  ? 172 GLN A HA   1 
ATOM   73  H HB2  . GLN A 1 5 ? -0.613  1.631  -2.640 1.00 1.97  ? 172 GLN A HB2  1 
ATOM   74  H HB3  . GLN A 1 5 ? -1.223  0.172  -2.752 1.00 1.97  ? 172 GLN A HB3  1 
ATOM   75  H HG2  . GLN A 1 5 ? -2.669  2.163  -1.357 1.00 2.90  ? 172 GLN A HG2  1 
ATOM   76  H HG3  . GLN A 1 5 ? -2.790  2.082  -2.933 1.00 2.90  ? 172 GLN A HG3  1 
ATOM   77  H HE21 . GLN A 1 5 ? -4.867  1.718  -0.919 1.00 2.65  ? 172 GLN A HE21 1 
ATOM   78  H HE22 . GLN A 1 5 ? -5.522  0.405  -1.175 1.00 2.65  ? 172 GLN A HE22 1 
ATOM   79  N N    . ASN A 1 6 ? -2.234  -0.670 0.407  1.00 1.71  ? 173 ASN A N    1 
ATOM   80  C CA   . ASN A 1 6 ? -2.930  -1.879 0.853  1.00 1.04  ? 173 ASN A CA   1 
ATOM   81  C C    . ASN A 1 6 ? -4.452  -1.675 1.098  1.00 1.22  ? 173 ASN A C    1 
ATOM   82  O O    . ASN A 1 6 ? -4.870  -0.639 1.632  1.00 2.61  ? 173 ASN A O    1 
ATOM   83  C CB   . ASN A 1 6 ? -2.238  -2.436 2.109  1.00 2.53  ? 173 ASN A CB   1 
ATOM   84  C CG   . ASN A 1 6 ? -0.686  -2.585 1.952  1.00 1.25  ? 173 ASN A CG   1 
ATOM   85  O OD1  . ASN A 1 6 ? -0.180  -3.659 1.585  1.00 2.04  ? 173 ASN A OD1  1 
ATOM   86  N ND2  . ASN A 1 6 ? 0.061   -1.506 2.265  1.00 2.33  ? 173 ASN A ND2  1 
ATOM   87  H H    . ASN A 1 6 ? -2.557  0.057  0.734  1.00 2.10  ? 173 ASN A H    1 
ATOM   88  H HA   . ASN A 1 6 ? -2.843  -2.550 0.157  1.00 1.30  ? 173 ASN A HA   1 
ATOM   89  H HB2  . ASN A 1 6 ? -2.405  -1.835 2.851  1.00 3.09  ? 173 ASN A HB2  1 
ATOM   90  H HB3  . ASN A 1 6 ? -2.602  -3.313 2.306  1.00 3.09  ? 173 ASN A HB3  1 
ATOM   91  H HD21 . ASN A 1 6 ? 0.918   -1.543 2.197  1.00 2.84  ? 173 ASN A HD21 1 
ATOM   92  H HD22 . ASN A 1 6 ? -0.319  -0.780 2.522  1.00 2.84  ? 173 ASN A HD22 1 
ATOM   93  N N    . ASN A 1 7 ? -5.269  -2.705 0.756  1.00 1.61  ? 174 ASN A N    1 
ATOM   94  C CA   . ASN A 1 7 ? -6.737  -2.710 0.906  1.00 2.05  ? 174 ASN A CA   1 
ATOM   95  C C    . ASN A 1 7 ? -7.247  -3.830 1.802  1.00 2.25  ? 174 ASN A C    1 
ATOM   96  O O    . ASN A 1 7 ? -6.874  -4.994 1.616  1.00 2.62  ? 174 ASN A O    1 
ATOM   97  C CB   . ASN A 1 7 ? -7.463  -2.941 -0.415 1.00 2.31  ? 174 ASN A CB   1 
ATOM   98  C CG   . ASN A 1 7 ? -7.295  -1.799 -1.344 1.00 2.88  ? 174 ASN A CG   1 
ATOM   99  O OD1  . ASN A 1 7 ? -7.500  -0.654 -0.970 1.00 2.51  ? 174 ASN A OD1  1 
ATOM   100 N ND2  . ASN A 1 7 ? -6.842  -2.094 -2.569 1.00 2.74  ? 174 ASN A ND2  1 
ATOM   101 H H    . ASN A 1 7 ? -4.971  -3.440 0.422  1.00 1.98  ? 174 ASN A H    1 
ATOM   102 H HA   . ASN A 1 7 ? -7.028  -1.862 1.275  1.00 2.50  ? 174 ASN A HA   1 
ATOM   103 H HB2  . ASN A 1 7 ? -7.104  -3.734 -0.843 1.00 2.82  ? 174 ASN A HB2  1 
ATOM   104 H HB3  . ASN A 1 7 ? -8.412  -3.053 -0.243 1.00 2.82  ? 174 ASN A HB3  1 
ATOM   105 H HD21 . ASN A 1 7 ? -6.720  -1.466 -3.144 1.00 3.34  ? 174 ASN A HD21 1 
ATOM   106 H HD22 . ASN A 1 7 ? -6.697  -2.913 -2.788 1.00 3.34  ? 174 ASN A HD22 1 
ATOM   107 N N    . PHE A 1 8 ? -8.203  -3.489 2.681  1.00 3.67  ? 175 PHE A N    1 
ATOM   108 C CA   . PHE A 1 8 ? -8.797  -4.424 3.640  1.00 4.69  ? 175 PHE A CA   1 
ATOM   109 C C    . PHE A 1 8 ? -10.332 -4.328 3.611  1.00 6.17  ? 175 PHE A C    1 
ATOM   110 O O    . PHE A 1 8 ? -10.907 -3.339 4.078  1.00 7.07  ? 175 PHE A O    1 
ATOM   111 C CB   . PHE A 1 8 ? -8.247  -4.100 5.041  1.00 4.78  ? 175 PHE A CB   1 
ATOM   112 C CG   . PHE A 1 8 ? -6.710  -4.118 5.136  1.00 5.46  ? 175 PHE A CG   1 
ATOM   113 C CD1  . PHE A 1 8 ? -5.942  -2.978 4.852  1.00 5.61  ? 175 PHE A CD1  1 
ATOM   114 C CD2  . PHE A 1 8 ? -6.029  -5.282 5.485  1.00 6.59  ? 175 PHE A CD2  1 
ATOM   115 C CE1  . PHE A 1 8 ? -4.543  -3.007 4.929  1.00 7.51  ? 175 PHE A CE1  1 
ATOM   116 C CE2  . PHE A 1 8 ? -4.625  -5.306 5.560  1.00 6.97  ? 175 PHE A CE2  1 
ATOM   117 C CZ   . PHE A 1 8 ? -3.894  -4.164 5.280  1.00 8.49  ? 175 PHE A CZ   1 
ATOM   118 H H    . PHE A 1 8 ? -8.531  -2.695 2.738  1.00 4.46  ? 175 PHE A H    1 
ATOM   119 H HA   . PHE A 1 8 ? -8.542  -5.330 3.411  1.00 5.68  ? 175 PHE A HA   1 
ATOM   120 H HB2  . PHE A 1 8 ? -8.548  -3.214 5.297  1.00 5.78  ? 175 PHE A HB2  1 
ATOM   121 H HB3  . PHE A 1 8 ? -8.589  -4.755 5.670  1.00 5.78  ? 175 PHE A HB3  1 
ATOM   122 H HD1  . PHE A 1 8 ? -6.369  -2.188 4.613  1.00 6.78  ? 175 PHE A HD1  1 
ATOM   123 H HD2  . PHE A 1 8 ? -6.510  -6.054 5.675  1.00 7.95  ? 175 PHE A HD2  1 
ATOM   124 H HE1  . PHE A 1 8 ? -4.054  -2.239 4.741  1.00 9.06  ? 175 PHE A HE1  1 
ATOM   125 H HE2  . PHE A 1 8 ? -4.187  -6.090 5.799  1.00 8.42  ? 175 PHE A HE2  1 
ATOM   126 H HZ   . PHE A 1 8 ? -2.966  -4.180 5.332  1.00 10.23 ? 175 PHE A HZ   1 
ATOM   127 N N    . VAL A 1 9 ? -11.011 -5.351 3.093  1.00 10.37 ? 176 VAL A N    1 
ATOM   128 C CA   . VAL A 1 9 ? -12.478 -5.335 3.083  1.00 19.47 ? 176 VAL A CA   1 
ATOM   129 C C    . VAL A 1 9 ? -13.032 -6.124 4.268  1.00 26.68 ? 176 VAL A C    1 
ATOM   130 O O    . VAL A 1 9 ? -12.700 -7.294 4.469  1.00 29.48 ? 176 VAL A O    1 
ATOM   131 C CB   . VAL A 1 9 ? -13.045 -5.847 1.749  1.00 22.57 ? 176 VAL A CB   1 
ATOM   132 C CG1  . VAL A 1 9 ? -14.518 -5.480 1.628  1.00 25.01 ? 176 VAL A CG1  1 
ATOM   133 C CG2  . VAL A 1 9 ? -12.275 -5.278 0.594  1.00 25.48 ? 176 VAL A CG2  1 
ATOM   134 O OXT  . VAL A 1 9 ? -13.828 -5.617 5.061  1.00 28.92 ? 176 VAL A OXT  1 
ATOM   135 H H    . VAL A 1 9 ? -10.657 -6.055 2.748  1.00 12.49 ? 176 VAL A H    1 
ATOM   136 H HA   . VAL A 1 9 ? -12.772 -4.416 3.186  1.00 23.41 ? 176 VAL A HA   1 
ATOM   137 H HB   . VAL A 1 9 ? -12.970 -6.814 1.718  1.00 27.13 ? 176 VAL A HB   1 
ATOM   138 H HG11 . VAL A 1 9 ? -14.857 -5.810 0.782  1.00 30.06 ? 176 VAL A HG11 1 
ATOM   139 H HG12 . VAL A 1 9 ? -15.005 -5.885 2.362  1.00 30.06 ? 176 VAL A HG12 1 
ATOM   140 H HG13 . VAL A 1 9 ? -14.606 -4.514 1.665  1.00 30.06 ? 176 VAL A HG13 1 
ATOM   141 H HG21 . VAL A 1 9 ? -12.651 -5.615 -0.234 1.00 30.62 ? 176 VAL A HG21 1 
ATOM   142 H HG22 . VAL A 1 9 ? -12.340 -4.310 0.618  1.00 30.62 ? 176 VAL A HG22 1 
ATOM   143 H HG23 . VAL A 1 9 ? -11.346 -5.549 0.670  1.00 30.62 ? 176 VAL A HG23 1 
HETATM 144 O O    . HOH B 2 . ? 7.724   7.015  -3.462 1.00 20.04 ? 201 HOH A O    1 
# 
loop_
_atom_site_anisotrop.id 
_atom_site_anisotrop.type_symbol 
_atom_site_anisotrop.pdbx_label_atom_id 
_atom_site_anisotrop.pdbx_label_alt_id 
_atom_site_anisotrop.pdbx_label_comp_id 
_atom_site_anisotrop.pdbx_label_asym_id 
_atom_site_anisotrop.pdbx_label_seq_id 
_atom_site_anisotrop.pdbx_PDB_ins_code 
_atom_site_anisotrop.U[1][1] 
_atom_site_anisotrop.U[2][2] 
_atom_site_anisotrop.U[3][3] 
_atom_site_anisotrop.U[1][2] 
_atom_site_anisotrop.U[1][3] 
_atom_site_anisotrop.U[2][3] 
_atom_site_anisotrop.pdbx_auth_seq_id 
_atom_site_anisotrop.pdbx_auth_comp_id 
_atom_site_anisotrop.pdbx_auth_asym_id 
_atom_site_anisotrop.pdbx_auth_atom_id 
1   N N   . GLU A 1 ? 0.2243 0.2166 0.3174 -0.0612 0.0500  0.0425  168 GLU A N   
2   C CA  . GLU A 1 ? 0.2140 0.1618 0.3151 -0.0409 0.0629  0.0237  168 GLU A CA  
3   C C   . GLU A 1 ? 0.1310 0.0758 0.2248 0.0055  0.0529  -0.0067 168 GLU A C   
4   O O   . GLU A 1 ? 0.1772 0.0879 0.2115 -0.0304 0.0757  -0.0467 168 GLU A O   
5   C CB  . GLU A 1 ? 0.2875 0.2137 0.4163 -0.0671 0.0859  0.0543  168 GLU A CB  
6   C CG  . GLU A 1 ? 0.3516 0.3215 0.4981 -0.1130 0.1046  0.0794  168 GLU A CG  
7   C CD  . GLU A 1 ? 0.4464 0.5317 0.5647 -0.2127 0.1161  0.1010  168 GLU A CD  
8   O OE1 . GLU A 1 ? 0.4628 0.5844 0.5881 -0.2288 0.1199  0.1062  168 GLU A OE1 
9   O OE2 . GLU A 1 ? 0.4968 0.6421 0.5919 -0.2626 0.1142  0.1122  168 GLU A OE2 
16  N N   . TYR A 2 ? 0.0723 0.0771 0.1352 -0.0039 0.0275  -0.0298 169 TYR A N   
17  C CA  . TYR A 2 ? 0.0370 0.0480 0.0919 -0.0018 -0.0135 -0.0020 169 TYR A CA  
18  C C   . TYR A 2 ? 0.0458 0.0318 0.0735 -0.0110 -0.0126 -0.0130 169 TYR A C   
19  O O   . TYR A 2 ? 0.0469 0.0296 0.0828 -0.0069 -0.0206 -0.0042 169 TYR A O   
20  C CB  . TYR A 2 ? 0.0640 0.0593 0.0697 -0.0295 -0.0064 -0.0143 169 TYR A CB  
21  C CG  . TYR A 2 ? 0.0320 0.0540 0.0590 -0.0042 -0.0100 0.0035  169 TYR A CG  
22  C CD1 . TYR A 2 ? 0.0491 0.0632 0.0680 -0.0056 -0.0033 0.0162  169 TYR A CD1 
23  C CD2 . TYR A 2 ? 0.0316 0.0704 0.0706 0.0008  0.0029  0.0057  169 TYR A CD2 
24  C CE1 . TYR A 2 ? 0.0239 0.0688 0.0553 0.0081  -0.0010 0.0040  169 TYR A CE1 
25  C CE2 . TYR A 2 ? 0.0577 0.0727 0.0690 -0.0088 0.0095  0.0105  169 TYR A CE2 
26  C CZ  . TYR A 2 ? 0.0209 0.0548 0.0393 0.0150  -0.0001 0.0022  169 TYR A CZ  
27  O OH  . TYR A 2 ? 0.0193 0.0685 0.0399 -0.0035 0.0010  -0.0159 169 TYR A OH  
37  N N   . SER A 3 ? 0.0428 0.0383 0.0778 -0.0097 0.0038  -0.0258 170 SER A N   
38  C CA  . SER A 3 ? 0.0366 0.0281 0.0681 -0.0094 -0.0061 -0.0129 170 SER A CA  
39  C C   . SER A 3 ? 0.0169 0.0292 0.0583 0.0026  -0.0080 -0.0036 170 SER A C   
40  O O   . SER A 3 ? 0.0442 0.0331 0.0660 -0.0036 0.0109  -0.0217 170 SER A O   
41  C CB  . SER A 3 ? 0.0453 0.0579 0.0884 0.0031  -0.0075 0.0085  170 SER A CB  
42  O OG  . SER A 3 ? 0.0851 0.1125 0.0954 -0.0180 -0.0091 0.0299  170 SER A OG  
48  N N   . ASN A 4 ? 0.0102 0.0370 0.0352 0.0015  -0.0035 -0.0021 171 ASN A N   
49  C CA  . ASN A 4 ? 0.0286 0.0229 0.0367 0.0003  -0.0092 -0.0060 171 ASN A CA  
50  C C   . ASN A 4 ? 0.0294 0.0147 0.0442 0.0080  0.0003  0.0017  171 ASN A C   
51  O O   . ASN A 4 ? 0.0355 0.0177 0.0369 0.0040  -0.0087 -0.0066 171 ASN A O   
52  C CB  . ASN A 4 ? 0.0307 0.0638 0.0456 -0.0023 -0.0084 -0.0017 171 ASN A CB  
53  C CG  . ASN A 4 ? 0.0230 0.0295 0.0314 0.0128  -0.0024 -0.0108 171 ASN A CG  
54  O OD1 . ASN A 4 ? 0.0240 0.0244 0.0290 0.0092  -0.0139 -0.0117 171 ASN A OD1 
55  N ND2 . ASN A 4 ? 0.0471 0.0379 0.0569 0.0028  -0.0132 -0.0032 171 ASN A ND2 
62  N N   . GLN A 5 ? 0.0289 0.0207 0.0402 0.0037  0.0130  -0.0031 172 GLN A N   
63  C CA  . GLN A 5 ? 0.0191 0.0107 0.0183 -0.0021 -0.0104 -0.0004 172 GLN A CA  
64  C C   . GLN A 5 ? 0.0084 0.0261 0.0164 0.0029  -0.0031 -0.0046 172 GLN A C   
65  O O   . GLN A 5 ? 0.0283 0.0127 0.0209 0.0088  -0.0046 -0.0028 172 GLN A O   
66  C CB  . GLN A 5 ? 0.0195 0.0194 0.0221 -0.0002 -0.0073 0.0101  172 GLN A CB  
67  C CG  . GLN A 5 ? 0.0221 0.0330 0.0350 0.0076  -0.0002 0.0171  172 GLN A CG  
68  C CD  . GLN A 5 ? 0.0135 0.0205 0.0283 0.0090  0.0011  -0.0017 172 GLN A CD  
69  O OE1 . GLN A 5 ? 0.0191 0.0201 0.0352 -0.0010 -0.0137 -0.0023 172 GLN A OE1 
70  N NE2 . GLN A 5 ? 0.0289 0.0147 0.0388 -0.0088 -0.0052 0.0013  172 GLN A NE2 
79  N N   . ASN A 6 ? 0.0215 0.0237 0.0197 -0.0088 -0.0102 0.0031  173 ASN A N   
80  C CA  . ASN A 6 ? 0.0085 0.0170 0.0140 0.0008  -0.0061 0.0000  173 ASN A CA  
81  C C   . ASN A 6 ? 0.0202 0.0077 0.0186 0.0015  0.0009  -0.0055 173 ASN A C   
82  O O   . ASN A 6 ? 0.0157 0.0511 0.0326 -0.0052 0.0052  -0.0095 173 ASN A O   
83  C CB  . ASN A 6 ? 0.0397 0.0180 0.0383 -0.0090 0.0102  -0.0091 173 ASN A CB  
84  C CG  . ASN A 6 ? 0.0083 0.0282 0.0111 0.0028  -0.0010 -0.0081 173 ASN A CG  
85  O OD1 . ASN A 6 ? 0.0132 0.0289 0.0352 0.0042  -0.0084 -0.0011 173 ASN A OD1 
86  N ND2 . ASN A 6 ? 0.0288 0.0353 0.0245 0.0056  0.0036  0.0035  173 ASN A ND2 
93  N N   . ASN A 7 ? 0.0247 0.0147 0.0219 0.0049  0.0072  -0.0059 174 ASN A N   
94  C CA  . ASN A 7 ? 0.0301 0.0191 0.0285 -0.0040 0.0062  -0.0125 174 ASN A CA  
95  C C   . ASN A 7 ? 0.0375 0.0215 0.0263 -0.0003 0.0101  -0.0109 174 ASN A C   
96  O O   . ASN A 7 ? 0.0368 0.0410 0.0220 -0.0053 0.0078  -0.0145 174 ASN A O   
97  C CB  . ASN A 7 ? 0.0194 0.0263 0.0419 0.0026  0.0057  -0.0151 174 ASN A CB  
98  C CG  . ASN A 7 ? 0.0458 0.0331 0.0306 0.0018  0.0052  -0.0092 174 ASN A CG  
99  O OD1 . ASN A 7 ? 0.0444 0.0158 0.0352 -0.0010 -0.0070 -0.0083 174 ASN A OD1 
100 N ND2 . ASN A 7 ? 0.0371 0.0324 0.0348 -0.0033 -0.0110 -0.0019 174 ASN A ND2 
107 N N   . PHE A 8 ? 0.0469 0.0293 0.0634 -0.0020 0.0128  0.0048  175 PHE A N   
108 C CA  . PHE A 8 ? 0.0264 0.0595 0.0924 -0.0012 0.0066  -0.0008 175 PHE A CA  
109 C C   . PHE A 8 ? 0.0403 0.0634 0.1307 -0.0060 0.0213  -0.0217 175 PHE A C   
110 O O   . PHE A 8 ? 0.0416 0.0931 0.1338 -0.0094 0.0216  -0.0168 175 PHE A O   
111 C CB  . PHE A 8 ? 0.0410 0.0739 0.0666 0.0053  0.0133  -0.0200 175 PHE A CB  
112 C CG  . PHE A 8 ? 0.0424 0.1009 0.0642 0.0098  -0.0061 -0.0080 175 PHE A CG  
113 C CD1 . PHE A 8 ? 0.0471 0.0980 0.0680 0.0000  -0.0053 -0.0284 175 PHE A CD1 
114 C CD2 . PHE A 8 ? 0.0574 0.1065 0.0865 0.0077  -0.0157 0.0030  175 PHE A CD2 
115 C CE1 . PHE A 8 ? 0.0850 0.1373 0.0632 -0.0218 -0.0099 -0.0126 175 PHE A CE1 
116 C CE2 . PHE A 8 ? 0.0593 0.1081 0.0976 0.0174  -0.0189 0.0110  175 PHE A CE2 
117 C CZ  . PHE A 8 ? 0.0706 0.1750 0.0768 -0.0134 -0.0133 -0.0007 175 PHE A CZ  
127 N N   . VAL A 9 ? 0.0826 0.1237 0.1878 -0.0341 0.0484  -0.0449 176 VAL A N   
128 C CA  . VAL A 9 ? 0.1455 0.2826 0.3115 -0.0731 0.0648  0.0406  176 VAL A CA  
129 C C   . VAL A 9 ? 0.2191 0.4081 0.3864 -0.1160 0.0982  0.0573  176 VAL A C   
130 O O   . VAL A 9 ? 0.2532 0.4525 0.4144 -0.1416 0.0962  0.0659  176 VAL A O   
131 C CB  . VAL A 9 ? 0.1505 0.3603 0.3467 -0.0675 0.0510  0.0781  176 VAL A CB  
132 C CG1 . VAL A 9 ? 0.1821 0.4062 0.3619 -0.0967 0.0455  0.0909  176 VAL A CG1 
133 C CG2 . VAL A 9 ? 0.1842 0.4248 0.3589 -0.0891 0.0538  0.0953  176 VAL A CG2 
134 O OXT . VAL A 9 ? 0.2459 0.4421 0.4108 -0.1291 0.1108  0.0587  176 VAL A OXT 
144 O O   . HOH B . ? 0.3001 0.2795 0.1820 0.0687  0.1170  0.0201  201 HOH A O   
# 
